data_2NQ8
#
_entry.id   2NQ8
#
_cell.length_a   131.899
_cell.length_b   131.899
_cell.length_c   82.845
_cell.angle_alpha   90.00
_cell.angle_beta   90.00
_cell.angle_gamma   90.00
#
_symmetry.space_group_name_H-M   'P 43 21 2'
#
loop_
_entity.id
_entity.type
_entity.pdbx_description
1 polymer 'Enoyl-acyl carrier reductase'
2 polymer 'Enoyl-acyl carrier reductase'
3 non-polymer 'ISONICOTINIC-ACETYL-NICOTINAMIDE-ADENINE DINUCLEOTIDE'
4 water water
#
loop_
_entity_poly.entity_id
_entity_poly.type
_entity_poly.pdbx_seq_one_letter_code
_entity_poly.pdbx_strand_id
1 'polypeptide(L)'
;EDICFIAGIGDTNGYGWGIAKELSKRNVKIIFGIWPPVYNIFMKNYKNGKFDNDMIIDKDKKMNILDMLPFDASFDTAND
IDEETKNNKRYNMLQNYTIEDVANLIHQKYGKINMLVHSLANAKEVQKDLLNTSRKGYLDALSKSSYSLISLCKYFVNIM
KPQSSIISLTYHASQKVVPGYGGGMSSAKAALESDTRVLAYHLGRNYNIRINTISAGPLKSRAATAINK
;
A,B
2 'polypeptide(L)' YTFIDYAIEYSEKYAPLRQKLLSTDIGSVASFLLSRESRAITGQTIYVDNGLNIMFLPDD C,D
#
loop_
_chem_comp.id
_chem_comp.type
_chem_comp.name
_chem_comp.formula
ZID non-polymer 'ISONICOTINIC-ACETYL-NICOTINAMIDE-ADENINE DINUCLEOTIDE' 'C27 H30 N8 O15 P2'
#
# COMPACT_ATOMS: atom_id res chain seq x y z
N GLU A 1 15.07 -3.40 -18.33
CA GLU A 1 16.37 -2.78 -17.91
C GLU A 1 16.47 -2.64 -16.40
N ASP A 2 15.43 -3.07 -15.69
CA ASP A 2 15.43 -3.03 -14.24
C ASP A 2 15.77 -4.43 -13.76
N ILE A 3 16.68 -4.52 -12.79
CA ILE A 3 17.09 -5.81 -12.25
C ILE A 3 16.67 -5.93 -10.79
N CYS A 4 16.15 -7.08 -10.43
CA CYS A 4 15.72 -7.30 -9.06
C CYS A 4 16.39 -8.52 -8.46
N PHE A 5 16.95 -8.35 -7.25
CA PHE A 5 17.57 -9.47 -6.58
C PHE A 5 16.58 -10.01 -5.56
N ILE A 6 16.19 -11.27 -5.71
CA ILE A 6 15.26 -11.90 -4.77
C ILE A 6 16.05 -12.83 -3.87
N ALA A 7 16.23 -12.44 -2.61
CA ALA A 7 16.97 -13.26 -1.65
C ALA A 7 16.00 -14.12 -0.84
N GLY A 8 16.16 -15.44 -0.91
CA GLY A 8 15.28 -16.32 -0.16
C GLY A 8 14.34 -17.12 -1.04
N ILE A 9 14.84 -18.22 -1.57
CA ILE A 9 14.07 -19.09 -2.43
C ILE A 9 14.55 -20.53 -2.33
N GLY A 10 13.68 -21.45 -2.72
CA GLY A 10 13.99 -22.87 -2.69
C GLY A 10 13.08 -23.60 -3.66
N ASP A 11 11.89 -23.05 -3.87
CA ASP A 11 10.93 -23.66 -4.76
C ASP A 11 9.99 -22.61 -5.36
N THR A 12 9.00 -23.06 -6.11
CA THR A 12 8.04 -22.17 -6.74
C THR A 12 6.74 -22.05 -5.95
N ASN A 13 6.74 -22.52 -4.71
CA ASN A 13 5.54 -22.45 -3.90
C ASN A 13 5.62 -21.37 -2.84
N GLY A 14 6.67 -20.56 -2.91
CA GLY A 14 6.83 -19.50 -1.92
C GLY A 14 6.43 -18.16 -2.46
N TYR A 15 6.66 -17.12 -1.67
CA TYR A 15 6.33 -15.77 -2.07
C TYR A 15 7.37 -15.21 -3.05
N GLY A 16 8.62 -15.64 -2.89
CA GLY A 16 9.67 -15.17 -3.77
C GLY A 16 9.27 -15.37 -5.22
N TRP A 17 8.76 -16.56 -5.53
CA TRP A 17 8.33 -16.89 -6.89
C TRP A 17 7.15 -16.02 -7.32
N GLY A 18 6.15 -15.89 -6.45
CA GLY A 18 5.01 -15.06 -6.79
C GLY A 18 5.43 -13.63 -7.10
N ILE A 19 6.42 -13.14 -6.36
CA ILE A 19 6.91 -11.78 -6.58
C ILE A 19 7.63 -11.76 -7.92
N ALA A 20 8.44 -12.80 -8.17
CA ALA A 20 9.20 -12.93 -9.41
C ALA A 20 8.31 -12.99 -10.63
N LYS A 21 7.20 -13.71 -10.52
CA LYS A 21 6.28 -13.82 -11.64
C LYS A 21 5.66 -12.46 -11.97
N GLU A 22 5.19 -11.74 -10.96
CA GLU A 22 4.57 -10.43 -11.18
C GLU A 22 5.55 -9.41 -11.73
N LEU A 23 6.77 -9.38 -11.20
CA LEU A 23 7.77 -8.42 -11.69
C LEU A 23 8.06 -8.68 -13.16
N SER A 24 7.95 -9.93 -13.58
CA SER A 24 8.20 -10.27 -14.97
C SER A 24 7.21 -9.57 -15.89
N LYS A 25 6.02 -9.27 -15.36
CA LYS A 25 5.01 -8.57 -16.15
C LYS A 25 5.55 -7.21 -16.56
N ARG A 26 6.35 -6.58 -15.68
CA ARG A 26 6.94 -5.28 -15.97
C ARG A 26 8.29 -5.46 -16.65
N ASN A 27 8.57 -6.70 -17.05
CA ASN A 27 9.81 -7.04 -17.72
C ASN A 27 11.09 -6.73 -16.93
N VAL A 28 11.08 -6.97 -15.63
CA VAL A 28 12.28 -6.73 -14.85
C VAL A 28 13.07 -8.04 -14.84
N LYS A 29 14.39 -7.94 -14.91
CA LYS A 29 15.25 -9.13 -14.89
C LYS A 29 15.33 -9.58 -13.44
N ILE A 30 15.27 -10.88 -13.21
CA ILE A 30 15.32 -11.43 -11.86
C ILE A 30 16.57 -12.26 -11.59
N ILE A 31 17.14 -12.08 -10.40
CA ILE A 31 18.31 -12.84 -9.96
C ILE A 31 17.87 -13.49 -8.65
N PHE A 32 17.95 -14.81 -8.56
CA PHE A 32 17.56 -15.53 -7.35
C PHE A 32 18.72 -15.86 -6.42
N GLY A 33 18.52 -15.59 -5.13
CA GLY A 33 19.51 -15.91 -4.12
C GLY A 33 19.00 -17.17 -3.45
N ILE A 34 19.69 -18.29 -3.65
CA ILE A 34 19.24 -19.55 -3.07
C ILE A 34 20.13 -20.03 -1.94
N TRP A 35 19.51 -20.47 -0.85
CA TRP A 35 20.22 -20.98 0.31
C TRP A 35 21.05 -22.20 -0.14
N PRO A 36 22.39 -22.10 -0.06
CA PRO A 36 23.34 -23.15 -0.45
C PRO A 36 22.82 -24.58 -0.31
N PRO A 37 22.39 -24.96 0.90
CA PRO A 37 21.88 -26.31 1.15
C PRO A 37 20.98 -26.87 0.06
N VAL A 38 20.18 -26.03 -0.58
CA VAL A 38 19.29 -26.49 -1.63
C VAL A 38 19.58 -25.94 -3.01
N TYR A 39 20.70 -25.25 -3.16
CA TYR A 39 21.08 -24.65 -4.44
C TYR A 39 21.19 -25.67 -5.56
N ASN A 40 21.99 -26.72 -5.36
CA ASN A 40 22.16 -27.74 -6.39
C ASN A 40 20.85 -28.38 -6.76
N ILE A 41 20.19 -28.98 -5.78
CA ILE A 41 18.93 -29.63 -6.06
C ILE A 41 17.99 -28.67 -6.80
N PHE A 42 18.04 -27.39 -6.44
CA PHE A 42 17.19 -26.41 -7.09
C PHE A 42 17.58 -26.29 -8.56
N MET A 43 18.88 -26.19 -8.84
CA MET A 43 19.39 -26.10 -10.20
C MET A 43 19.01 -27.35 -10.97
N LYS A 44 18.91 -28.47 -10.26
CA LYS A 44 18.54 -29.73 -10.87
C LYS A 44 17.16 -29.56 -11.47
N ASN A 45 16.14 -29.43 -10.61
CA ASN A 45 14.78 -29.25 -11.07
C ASN A 45 14.76 -28.33 -12.28
N TYR A 46 15.34 -27.15 -12.11
CA TYR A 46 15.39 -26.15 -13.19
C TYR A 46 15.93 -26.73 -14.50
N LYS A 47 17.13 -27.31 -14.43
CA LYS A 47 17.76 -27.89 -15.62
C LYS A 47 16.83 -28.94 -16.24
N ASN A 48 16.27 -29.80 -15.39
CA ASN A 48 15.37 -30.86 -15.83
C ASN A 48 13.98 -30.32 -16.15
N GLY A 49 13.86 -29.00 -16.21
CA GLY A 49 12.59 -28.36 -16.54
C GLY A 49 11.39 -28.47 -15.63
N LYS A 50 11.61 -28.70 -14.34
CA LYS A 50 10.50 -28.83 -13.40
C LYS A 50 9.77 -27.51 -13.12
N PHE A 51 10.37 -26.40 -13.55
CA PHE A 51 9.75 -25.10 -13.31
C PHE A 51 9.21 -24.41 -14.56
N ASP A 52 9.31 -25.07 -15.71
CA ASP A 52 8.83 -24.48 -16.96
C ASP A 52 7.39 -23.99 -16.94
N ASN A 53 6.47 -24.76 -16.36
CA ASN A 53 5.09 -24.33 -16.28
C ASN A 53 4.95 -23.14 -15.31
N ASP A 54 5.73 -23.15 -14.24
CA ASP A 54 5.68 -22.08 -13.25
C ASP A 54 6.34 -20.80 -13.73
N MET A 55 6.99 -20.84 -14.89
CA MET A 55 7.66 -19.65 -15.44
C MET A 55 6.84 -18.89 -16.49
N ILE A 56 5.80 -19.53 -17.03
CA ILE A 56 4.97 -18.88 -18.04
C ILE A 56 4.31 -17.66 -17.41
N ILE A 57 4.60 -16.49 -17.94
CA ILE A 57 4.03 -15.25 -17.43
C ILE A 57 2.65 -15.07 -18.03
N ASP A 58 1.72 -14.57 -17.22
CA ASP A 58 0.36 -14.33 -17.67
C ASP A 58 0.40 -13.81 -19.11
N LYS A 59 1.11 -12.71 -19.30
CA LYS A 59 1.25 -12.06 -20.60
C LYS A 59 1.73 -12.97 -21.71
N ASP A 60 1.69 -14.28 -21.50
CA ASP A 60 2.13 -15.20 -22.54
C ASP A 60 3.60 -14.86 -22.87
N LYS A 61 4.42 -14.89 -21.82
CA LYS A 61 5.85 -14.62 -21.92
C LYS A 61 6.56 -15.59 -20.99
N LYS A 62 7.88 -15.70 -21.12
CA LYS A 62 8.67 -16.60 -20.29
C LYS A 62 9.39 -15.75 -19.24
N MET A 63 9.26 -16.14 -17.97
CA MET A 63 9.92 -15.38 -16.90
C MET A 63 11.41 -15.30 -17.22
N ASN A 64 11.94 -14.08 -17.23
CA ASN A 64 13.35 -13.87 -17.55
C ASN A 64 14.26 -13.94 -16.32
N ILE A 65 14.82 -15.12 -16.08
CA ILE A 65 15.71 -15.32 -14.94
C ILE A 65 17.15 -15.04 -15.37
N LEU A 66 17.67 -13.91 -14.92
CA LEU A 66 19.02 -13.50 -15.27
C LEU A 66 20.06 -14.45 -14.66
N ASP A 67 19.76 -14.97 -13.48
CA ASP A 67 20.72 -15.85 -12.82
C ASP A 67 20.22 -16.43 -11.48
N MET A 68 20.78 -17.58 -11.13
CA MET A 68 20.48 -18.25 -9.86
C MET A 68 21.82 -18.32 -9.14
N LEU A 69 21.89 -17.83 -7.91
CA LEU A 69 23.15 -17.85 -7.17
C LEU A 69 23.03 -18.34 -5.74
N PRO A 70 24.04 -19.07 -5.25
CA PRO A 70 24.02 -19.56 -3.87
C PRO A 70 24.13 -18.35 -2.95
N PHE A 71 23.24 -18.25 -1.97
CA PHE A 71 23.20 -17.12 -1.07
C PHE A 71 22.84 -17.53 0.35
N ASP A 72 23.65 -17.14 1.33
CA ASP A 72 23.36 -17.49 2.72
C ASP A 72 23.31 -16.22 3.58
N ALA A 73 22.11 -15.86 4.00
CA ALA A 73 21.86 -14.66 4.79
C ALA A 73 22.39 -14.68 6.22
N SER A 74 23.13 -15.72 6.57
CA SER A 74 23.67 -15.81 7.93
C SER A 74 25.14 -15.38 7.96
N PHE A 75 25.71 -15.14 6.78
CA PHE A 75 27.10 -14.72 6.66
C PHE A 75 27.20 -13.36 5.97
N ASP A 76 27.77 -12.38 6.67
CA ASP A 76 27.94 -11.04 6.10
C ASP A 76 29.09 -10.96 5.09
N THR A 77 30.20 -11.60 5.41
CA THR A 77 31.38 -11.61 4.54
C THR A 77 32.08 -12.97 4.61
N ALA A 78 33.07 -13.17 3.76
CA ALA A 78 33.80 -14.43 3.72
C ALA A 78 34.48 -14.74 5.06
N ASN A 79 34.99 -13.72 5.75
CA ASN A 79 35.64 -13.97 7.04
C ASN A 79 34.70 -14.42 8.14
N ASP A 80 33.39 -14.29 7.91
CA ASP A 80 32.40 -14.71 8.90
C ASP A 80 32.13 -16.21 8.82
N ILE A 81 32.61 -16.83 7.74
CA ILE A 81 32.41 -18.25 7.51
C ILE A 81 33.16 -19.14 8.51
N ASP A 82 32.42 -20.04 9.18
CA ASP A 82 33.01 -20.94 10.18
C ASP A 82 33.41 -22.31 9.64
N GLU A 83 34.32 -22.96 10.36
CA GLU A 83 34.86 -24.28 10.02
C GLU A 83 33.85 -25.38 9.67
N GLU A 84 32.86 -25.59 10.52
CA GLU A 84 31.85 -26.64 10.29
C GLU A 84 31.20 -26.58 8.92
N THR A 85 30.79 -25.39 8.50
CA THR A 85 30.18 -25.21 7.19
C THR A 85 31.26 -25.32 6.12
N LYS A 86 32.43 -24.77 6.41
CA LYS A 86 33.56 -24.82 5.48
C LYS A 86 33.89 -26.28 5.15
N ASN A 87 33.29 -27.19 5.91
CA ASN A 87 33.47 -28.62 5.71
C ASN A 87 32.13 -29.24 5.32
N ASN A 88 31.06 -28.47 5.47
CA ASN A 88 29.72 -28.96 5.14
C ASN A 88 29.61 -29.40 3.69
N LYS A 89 29.34 -30.70 3.51
CA LYS A 89 29.19 -31.32 2.20
C LYS A 89 28.51 -30.44 1.17
N ARG A 90 27.53 -29.65 1.60
CA ARG A 90 26.76 -28.80 0.69
C ARG A 90 27.36 -27.44 0.36
N TYR A 91 28.40 -27.04 1.09
CA TYR A 91 29.03 -25.75 0.84
C TYR A 91 30.37 -25.88 0.10
N ASN A 92 30.98 -27.06 0.20
CA ASN A 92 32.27 -27.35 -0.44
C ASN A 92 32.41 -26.84 -1.87
N MET A 93 31.69 -27.48 -2.77
CA MET A 93 31.72 -27.13 -4.19
C MET A 93 31.31 -25.69 -4.51
N LEU A 94 30.72 -24.99 -3.54
CA LEU A 94 30.27 -23.63 -3.77
C LEU A 94 31.23 -22.55 -3.28
N GLN A 95 30.96 -21.30 -3.67
CA GLN A 95 31.78 -20.18 -3.26
C GLN A 95 31.10 -18.83 -3.58
N ASN A 96 31.44 -17.81 -2.80
CA ASN A 96 30.88 -16.47 -2.98
C ASN A 96 29.38 -16.43 -2.69
N TYR A 97 28.99 -17.07 -1.60
CA TYR A 97 27.60 -17.12 -1.23
C TYR A 97 27.26 -16.29 0.02
N THR A 98 28.19 -15.45 0.47
CA THR A 98 27.92 -14.60 1.64
C THR A 98 27.33 -13.31 1.07
N ILE A 99 26.59 -12.58 1.90
CA ILE A 99 25.94 -11.36 1.47
C ILE A 99 26.82 -10.41 0.67
N GLU A 100 28.01 -10.11 1.18
CA GLU A 100 28.90 -9.22 0.45
C GLU A 100 29.40 -9.85 -0.84
N ASP A 101 29.74 -11.14 -0.79
CA ASP A 101 30.22 -11.81 -1.98
C ASP A 101 29.20 -11.80 -3.13
N VAL A 102 27.93 -12.11 -2.85
CA VAL A 102 26.97 -12.12 -3.95
C VAL A 102 26.68 -10.70 -4.42
N ALA A 103 26.80 -9.74 -3.51
CA ALA A 103 26.59 -8.35 -3.89
C ALA A 103 27.64 -7.98 -4.94
N ASN A 104 28.91 -8.27 -4.63
CA ASN A 104 30.01 -8.00 -5.55
C ASN A 104 29.87 -8.83 -6.82
N LEU A 105 29.50 -10.10 -6.66
CA LEU A 105 29.34 -11.03 -7.77
C LEU A 105 28.34 -10.50 -8.80
N ILE A 106 27.15 -10.10 -8.32
CA ILE A 106 26.10 -9.55 -9.18
C ILE A 106 26.61 -8.28 -9.86
N HIS A 107 27.15 -7.38 -9.05
CA HIS A 107 27.66 -6.11 -9.53
C HIS A 107 28.72 -6.26 -10.62
N GLN A 108 29.48 -7.35 -10.56
CA GLN A 108 30.53 -7.59 -11.55
C GLN A 108 29.98 -8.22 -12.82
N LYS A 109 28.96 -9.04 -12.69
CA LYS A 109 28.38 -9.71 -13.86
C LYS A 109 27.27 -8.93 -14.55
N TYR A 110 26.49 -8.17 -13.79
CA TYR A 110 25.39 -7.44 -14.41
C TYR A 110 25.28 -5.95 -14.05
N GLY A 111 26.27 -5.43 -13.34
CA GLY A 111 26.23 -4.02 -12.97
C GLY A 111 25.33 -3.73 -11.80
N LYS A 112 24.70 -2.55 -11.83
CA LYS A 112 23.82 -2.13 -10.75
C LYS A 112 22.36 -2.54 -10.93
N ILE A 113 21.68 -2.73 -9.80
CA ILE A 113 20.28 -3.11 -9.81
C ILE A 113 19.50 -2.00 -9.11
N ASN A 114 18.18 -2.03 -9.22
CA ASN A 114 17.36 -1.01 -8.60
C ASN A 114 16.25 -1.58 -7.73
N MET A 115 16.24 -2.90 -7.58
CA MET A 115 15.23 -3.57 -6.80
C MET A 115 15.79 -4.70 -5.95
N LEU A 116 15.43 -4.67 -4.68
CA LEU A 116 15.91 -5.65 -3.73
C LEU A 116 14.74 -6.29 -2.99
N VAL A 117 14.74 -7.62 -2.90
CA VAL A 117 13.68 -8.32 -2.18
C VAL A 117 14.24 -9.23 -1.10
N HIS A 118 13.79 -9.01 0.12
CA HIS A 118 14.20 -9.83 1.25
C HIS A 118 13.01 -10.75 1.47
N SER A 119 13.17 -12.02 1.12
CA SER A 119 12.08 -12.99 1.24
C SER A 119 12.54 -14.30 1.85
N LEU A 120 13.13 -14.22 3.03
CA LEU A 120 13.63 -15.42 3.68
C LEU A 120 13.42 -15.31 5.19
N ALA A 121 13.14 -16.45 5.81
CA ALA A 121 12.91 -16.52 7.25
C ALA A 121 13.40 -17.86 7.77
N ASN A 122 13.98 -17.86 8.96
CA ASN A 122 14.45 -19.12 9.54
C ASN A 122 14.59 -19.08 11.03
N ALA A 123 14.08 -20.12 11.66
CA ALA A 123 14.13 -20.26 13.10
C ALA A 123 14.21 -21.74 13.43
N LYS A 124 15.35 -22.16 13.93
CA LYS A 124 15.58 -23.56 14.29
C LYS A 124 14.50 -24.11 15.24
N GLU A 125 14.06 -23.29 16.18
CA GLU A 125 13.07 -23.74 17.15
C GLU A 125 11.65 -23.21 16.97
N VAL A 126 11.27 -22.95 15.73
CA VAL A 126 9.95 -22.41 15.41
C VAL A 126 8.81 -23.25 16.01
N GLN A 127 9.06 -24.54 16.21
CA GLN A 127 8.04 -25.41 16.77
C GLN A 127 7.79 -25.21 18.25
N LYS A 128 8.65 -24.48 18.93
CA LYS A 128 8.47 -24.23 20.36
C LYS A 128 7.89 -22.85 20.57
N ASP A 129 7.13 -22.67 21.65
CA ASP A 129 6.58 -21.35 21.91
C ASP A 129 7.65 -20.52 22.65
N LEU A 130 7.61 -19.21 22.47
CA LEU A 130 8.59 -18.31 23.08
C LEU A 130 9.25 -18.76 24.38
N LEU A 131 8.44 -19.06 25.39
CA LEU A 131 8.95 -19.47 26.69
C LEU A 131 9.81 -20.72 26.74
N ASN A 132 9.77 -21.53 25.69
CA ASN A 132 10.57 -22.75 25.68
C ASN A 132 11.66 -22.69 24.62
N THR A 133 11.96 -21.47 24.19
CA THR A 133 12.99 -21.24 23.17
C THR A 133 14.30 -20.81 23.80
N SER A 134 15.38 -21.51 23.47
CA SER A 134 16.71 -21.22 24.00
C SER A 134 17.27 -19.92 23.45
N ARG A 135 18.32 -19.42 24.09
CA ARG A 135 18.96 -18.20 23.65
C ARG A 135 19.49 -18.41 22.24
N LYS A 136 20.06 -19.57 21.99
CA LYS A 136 20.62 -19.88 20.68
C LYS A 136 19.53 -19.85 19.61
N GLY A 137 18.44 -20.56 19.87
CA GLY A 137 17.35 -20.59 18.91
C GLY A 137 16.77 -19.23 18.63
N TYR A 138 16.60 -18.44 19.70
CA TYR A 138 16.04 -17.09 19.59
C TYR A 138 16.92 -16.20 18.72
N LEU A 139 18.21 -16.19 19.02
CA LEU A 139 19.15 -15.37 18.29
C LEU A 139 19.36 -15.86 16.85
N ASP A 140 19.26 -17.18 16.64
CA ASP A 140 19.40 -17.73 15.30
C ASP A 140 18.26 -17.17 14.45
N ALA A 141 17.08 -17.06 15.07
CA ALA A 141 15.91 -16.53 14.39
C ALA A 141 16.13 -15.06 14.02
N LEU A 142 16.62 -14.27 14.97
CA LEU A 142 16.85 -12.86 14.70
C LEU A 142 17.96 -12.60 13.71
N SER A 143 19.01 -13.42 13.75
CA SER A 143 20.13 -13.26 12.84
C SER A 143 19.69 -13.59 11.42
N LYS A 144 19.03 -14.73 11.27
CA LYS A 144 18.56 -15.17 9.95
C LYS A 144 17.35 -14.42 9.41
N SER A 145 16.40 -14.11 10.29
CA SER A 145 15.17 -13.45 9.84
C SER A 145 15.12 -11.94 9.94
N SER A 146 16.02 -11.36 10.74
CA SER A 146 16.04 -9.90 10.93
C SER A 146 17.32 -9.21 10.52
N TYR A 147 18.41 -9.49 11.22
CA TYR A 147 19.67 -8.83 10.90
C TYR A 147 20.02 -8.97 9.43
N SER A 148 19.63 -10.08 8.82
CA SER A 148 19.93 -10.32 7.40
C SER A 148 19.45 -9.14 6.55
N LEU A 149 18.28 -8.61 6.88
CA LEU A 149 17.72 -7.47 6.14
C LEU A 149 18.65 -6.25 6.19
N ILE A 150 19.02 -5.87 7.41
CA ILE A 150 19.90 -4.73 7.63
C ILE A 150 21.21 -4.94 6.86
N SER A 151 21.74 -6.17 6.91
CA SER A 151 22.98 -6.50 6.22
C SER A 151 22.84 -6.37 4.70
N LEU A 152 21.77 -6.95 4.14
CA LEU A 152 21.53 -6.85 2.70
C LEU A 152 21.60 -5.40 2.27
N CYS A 153 20.88 -4.55 3.01
CA CYS A 153 20.84 -3.12 2.71
C CYS A 153 22.23 -2.48 2.72
N LYS A 154 23.01 -2.78 3.76
CA LYS A 154 24.35 -2.23 3.89
C LYS A 154 25.24 -2.54 2.69
N TYR A 155 25.28 -3.81 2.28
CA TYR A 155 26.11 -4.21 1.15
C TYR A 155 25.50 -4.01 -0.24
N PHE A 156 24.19 -4.05 -0.36
CA PHE A 156 23.59 -3.87 -1.67
C PHE A 156 23.35 -2.44 -2.11
N VAL A 157 23.33 -1.50 -1.17
CA VAL A 157 23.10 -0.12 -1.52
C VAL A 157 24.22 0.37 -2.44
N ASN A 158 25.39 -0.21 -2.30
CA ASN A 158 26.55 0.14 -3.10
C ASN A 158 26.34 -0.19 -4.57
N ILE A 159 25.62 -1.29 -4.83
CA ILE A 159 25.37 -1.70 -6.21
C ILE A 159 23.99 -1.36 -6.74
N MET A 160 23.32 -0.40 -6.12
CA MET A 160 21.98 -0.03 -6.56
C MET A 160 21.99 1.33 -7.23
N LYS A 161 21.08 1.52 -8.19
CA LYS A 161 20.96 2.78 -8.90
C LYS A 161 20.16 3.74 -8.00
N PRO A 162 20.22 5.05 -8.28
CA PRO A 162 19.45 5.95 -7.42
C PRO A 162 17.95 5.64 -7.50
N GLN A 163 17.23 6.01 -6.45
CA GLN A 163 15.79 5.80 -6.37
C GLN A 163 15.38 4.32 -6.41
N SER A 164 16.30 3.43 -6.08
CA SER A 164 15.97 2.01 -6.09
C SER A 164 15.01 1.71 -4.92
N SER A 165 14.32 0.57 -5.01
CA SER A 165 13.34 0.18 -3.98
C SER A 165 13.70 -1.15 -3.29
N ILE A 166 13.21 -1.32 -2.07
CA ILE A 166 13.47 -2.51 -1.27
C ILE A 166 12.24 -2.97 -0.49
N ILE A 167 12.03 -4.29 -0.41
CA ILE A 167 10.90 -4.84 0.34
C ILE A 167 11.27 -6.15 1.05
N SER A 168 10.52 -6.46 2.11
CA SER A 168 10.71 -7.68 2.88
C SER A 168 9.32 -8.21 3.24
N LEU A 169 9.24 -9.47 3.67
CA LEU A 169 7.97 -10.09 4.06
C LEU A 169 7.87 -10.28 5.57
N THR A 170 6.72 -9.94 6.15
CA THR A 170 6.54 -10.09 7.59
C THR A 170 5.18 -10.71 7.89
N TYR A 171 4.87 -10.89 9.17
CA TYR A 171 3.60 -11.49 9.57
C TYR A 171 3.01 -10.80 10.81
N HIS A 172 1.70 -10.56 10.76
CA HIS A 172 0.95 -9.87 11.81
C HIS A 172 1.18 -10.40 13.22
N ALA A 173 1.80 -11.57 13.33
CA ALA A 173 2.10 -12.19 14.63
C ALA A 173 3.03 -11.32 15.45
N SER A 174 3.67 -10.37 14.78
CA SER A 174 4.60 -9.47 15.45
C SER A 174 3.84 -8.41 16.28
N GLN A 175 2.58 -8.19 15.91
CA GLN A 175 1.74 -7.19 16.57
C GLN A 175 0.68 -7.81 17.46
N LYS A 176 0.14 -8.94 17.04
CA LYS A 176 -0.89 -9.63 17.81
C LYS A 176 -0.42 -11.07 17.99
N VAL A 177 -0.73 -11.64 19.14
CA VAL A 177 -0.28 -12.99 19.43
C VAL A 177 -1.02 -14.13 18.74
N VAL A 178 -0.28 -14.86 17.93
CA VAL A 178 -0.83 -16.03 17.25
C VAL A 178 0.00 -17.18 17.78
N PRO A 179 -0.58 -17.97 18.72
CA PRO A 179 0.06 -19.13 19.35
C PRO A 179 0.47 -20.15 18.28
N GLY A 180 1.66 -20.73 18.45
CA GLY A 180 2.12 -21.72 17.48
C GLY A 180 3.27 -21.17 16.65
N TYR A 181 3.23 -19.88 16.37
CA TYR A 181 4.28 -19.21 15.61
C TYR A 181 5.37 -18.90 16.62
N GLY A 182 6.22 -19.89 16.90
CA GLY A 182 7.26 -19.72 17.90
C GLY A 182 8.72 -19.66 17.49
N GLY A 183 9.59 -20.00 18.45
CA GLY A 183 11.02 -19.98 18.20
C GLY A 183 11.58 -18.58 18.10
N GLY A 184 10.76 -17.60 18.46
CA GLY A 184 11.22 -16.23 18.39
C GLY A 184 10.98 -15.63 17.01
N MET A 185 10.16 -16.30 16.21
CA MET A 185 9.86 -15.77 14.87
C MET A 185 9.01 -14.51 15.04
N SER A 186 8.11 -14.53 16.00
CA SER A 186 7.26 -13.38 16.27
C SER A 186 8.18 -12.23 16.66
N SER A 187 9.20 -12.56 17.44
CA SER A 187 10.15 -11.57 17.89
C SER A 187 10.88 -10.98 16.68
N ALA A 188 11.32 -11.86 15.79
CA ALA A 188 12.03 -11.45 14.60
C ALA A 188 11.19 -10.55 13.69
N LYS A 189 9.93 -10.93 13.49
CA LYS A 189 9.06 -10.14 12.65
C LYS A 189 8.78 -8.76 13.29
N ALA A 190 8.83 -8.68 14.62
CA ALA A 190 8.60 -7.40 15.30
C ALA A 190 9.81 -6.48 15.07
N ALA A 191 11.01 -7.04 15.09
CA ALA A 191 12.20 -6.23 14.86
C ALA A 191 12.32 -5.85 13.39
N LEU A 192 11.95 -6.77 12.50
CA LEU A 192 12.03 -6.52 11.07
C LEU A 192 11.15 -5.34 10.70
N GLU A 193 9.99 -5.27 11.33
CA GLU A 193 9.04 -4.21 11.06
C GLU A 193 9.51 -2.86 11.61
N SER A 194 10.11 -2.86 12.80
CA SER A 194 10.61 -1.63 13.40
C SER A 194 11.85 -1.15 12.65
N ASP A 195 12.69 -2.09 12.25
CA ASP A 195 13.92 -1.79 11.52
C ASP A 195 13.59 -1.19 10.15
N THR A 196 12.46 -1.60 9.58
CA THR A 196 12.05 -1.11 8.27
C THR A 196 11.84 0.40 8.31
N ARG A 197 11.36 0.90 9.45
CA ARG A 197 11.15 2.33 9.60
C ARG A 197 12.52 3.02 9.70
N VAL A 198 13.33 2.58 10.67
CA VAL A 198 14.64 3.17 10.90
C VAL A 198 15.52 3.09 9.65
N LEU A 199 15.47 1.98 8.93
CA LEU A 199 16.25 1.87 7.70
C LEU A 199 15.69 2.84 6.66
N ALA A 200 14.37 3.04 6.64
CA ALA A 200 13.76 3.95 5.68
C ALA A 200 14.23 5.39 5.91
N TYR A 201 14.38 5.76 7.18
CA TYR A 201 14.84 7.10 7.49
C TYR A 201 16.25 7.31 6.93
N HIS A 202 17.18 6.43 7.30
CA HIS A 202 18.58 6.53 6.86
C HIS A 202 18.76 6.36 5.36
N LEU A 203 18.18 5.31 4.80
CA LEU A 203 18.28 5.05 3.37
C LEU A 203 17.56 6.14 2.56
N GLY A 204 16.57 6.77 3.18
CA GLY A 204 15.82 7.79 2.48
C GLY A 204 16.55 9.12 2.42
N ARG A 205 17.06 9.55 3.56
CA ARG A 205 17.77 10.82 3.62
C ARG A 205 19.11 10.76 2.89
N ASN A 206 19.82 9.66 3.09
CA ASN A 206 21.14 9.50 2.52
C ASN A 206 21.27 9.04 1.07
N TYR A 207 20.42 8.12 0.63
CA TYR A 207 20.53 7.61 -0.73
C TYR A 207 19.28 7.82 -1.57
N ASN A 208 18.20 8.21 -0.90
CA ASN A 208 16.92 8.43 -1.55
C ASN A 208 16.34 7.09 -1.99
N ILE A 209 16.65 6.06 -1.20
CA ILE A 209 16.16 4.71 -1.47
C ILE A 209 15.02 4.44 -0.49
N ARG A 210 13.97 3.78 -0.98
CA ARG A 210 12.82 3.48 -0.15
C ARG A 210 12.84 2.03 0.30
N ILE A 211 12.28 1.78 1.48
CA ILE A 211 12.20 0.43 2.00
C ILE A 211 10.81 0.26 2.67
N ASN A 212 10.16 -0.87 2.40
CA ASN A 212 8.83 -1.18 2.92
C ASN A 212 8.71 -2.70 3.12
N THR A 213 7.73 -3.12 3.92
CA THR A 213 7.55 -4.53 4.17
C THR A 213 6.08 -4.92 3.95
N ILE A 214 5.86 -6.16 3.50
CA ILE A 214 4.53 -6.66 3.22
C ILE A 214 4.13 -7.70 4.27
N SER A 215 3.10 -7.40 5.06
CA SER A 215 2.64 -8.37 6.04
C SER A 215 1.64 -9.25 5.31
N ALA A 216 2.06 -10.47 4.98
CA ALA A 216 1.24 -11.38 4.21
C ALA A 216 0.35 -12.32 4.98
N GLY A 217 -0.65 -12.84 4.27
CA GLY A 217 -1.57 -13.81 4.82
C GLY A 217 -0.96 -15.17 4.59
N PRO A 218 -1.63 -16.27 4.97
CA PRO A 218 -1.10 -17.62 4.79
C PRO A 218 -0.93 -18.13 3.36
N LEU A 219 0.19 -18.79 3.13
CA LEU A 219 0.52 -19.39 1.85
C LEU A 219 1.18 -20.72 2.20
N LYS A 220 0.68 -21.80 1.61
CA LYS A 220 1.21 -23.13 1.87
C LYS A 220 2.43 -23.35 0.97
N SER A 221 3.59 -22.96 1.48
CA SER A 221 4.84 -23.12 0.75
C SER A 221 5.58 -24.38 1.22
N ARG A 222 6.65 -24.17 1.98
CA ARG A 222 7.44 -25.28 2.51
C ARG A 222 8.04 -24.85 3.84
N ALA A 223 8.48 -23.59 3.90
CA ALA A 223 9.05 -23.03 5.11
C ALA A 223 7.92 -22.73 6.07
N ALA A 224 6.71 -22.71 5.54
CA ALA A 224 5.51 -22.43 6.32
C ALA A 224 4.93 -23.74 6.88
N THR A 225 5.07 -24.82 6.11
CA THR A 225 4.55 -26.12 6.52
C THR A 225 5.47 -26.75 7.57
N ALA A 226 6.69 -26.23 7.68
CA ALA A 226 7.66 -26.74 8.64
C ALA A 226 7.36 -26.25 10.06
N ILE A 227 6.46 -25.29 10.17
CA ILE A 227 6.09 -24.74 11.48
C ILE A 227 5.32 -25.82 12.25
N ASN A 228 4.39 -26.47 11.55
CA ASN A 228 3.53 -27.53 12.10
C ASN A 228 3.23 -27.45 13.59
N LYS A 229 2.03 -26.96 13.90
CA LYS A 229 1.58 -26.84 15.28
C LYS A 229 0.23 -27.56 15.41
N GLU B 1 -11.88 -0.18 -19.69
CA GLU B 1 -13.37 -0.05 -19.66
C GLU B 1 -13.88 0.25 -18.26
N ASP B 2 -12.99 0.64 -17.35
CA ASP B 2 -13.37 0.95 -15.99
C ASP B 2 -13.88 2.38 -15.84
N ILE B 3 -14.92 2.54 -15.02
CA ILE B 3 -15.50 3.86 -14.77
C ILE B 3 -15.34 4.20 -13.29
N CYS B 4 -14.90 5.42 -13.02
CA CYS B 4 -14.70 5.86 -11.66
C CYS B 4 -15.37 7.20 -11.31
N PHE B 5 -16.12 7.20 -10.21
CA PHE B 5 -16.76 8.43 -9.77
C PHE B 5 -15.87 9.09 -8.71
N ILE B 6 -15.49 10.32 -8.97
CA ILE B 6 -14.67 11.06 -8.01
C ILE B 6 -15.50 12.15 -7.36
N ALA B 7 -15.54 12.12 -6.03
CA ALA B 7 -16.30 13.10 -5.28
C ALA B 7 -15.32 13.98 -4.53
N GLY B 8 -15.30 15.26 -4.87
CA GLY B 8 -14.39 16.16 -4.19
C GLY B 8 -13.43 16.85 -5.12
N ILE B 9 -13.98 17.47 -6.17
CA ILE B 9 -13.15 18.22 -7.11
C ILE B 9 -13.85 19.55 -7.30
N GLY B 10 -13.07 20.62 -7.20
CA GLY B 10 -13.62 21.96 -7.37
C GLY B 10 -12.59 22.83 -8.01
N ASP B 11 -11.54 22.19 -8.53
CA ASP B 11 -10.43 22.85 -9.19
C ASP B 11 -9.32 21.82 -9.33
N THR B 12 -8.33 22.11 -10.18
CA THR B 12 -7.23 21.19 -10.42
C THR B 12 -6.10 21.25 -9.39
N ASN B 13 -6.36 21.81 -8.22
CA ASN B 13 -5.30 21.94 -7.20
C ASN B 13 -5.36 20.97 -6.03
N GLY B 14 -6.44 20.20 -5.94
CA GLY B 14 -6.58 19.25 -4.85
C GLY B 14 -6.07 17.86 -5.19
N TYR B 15 -6.39 16.88 -4.35
CA TYR B 15 -5.95 15.50 -4.59
C TYR B 15 -6.80 14.80 -5.63
N GLY B 16 -8.08 15.16 -5.67
CA GLY B 16 -8.99 14.56 -6.65
C GLY B 16 -8.44 14.66 -8.07
N TRP B 17 -8.14 15.88 -8.50
CA TRP B 17 -7.60 16.11 -9.83
C TRP B 17 -6.38 15.23 -10.10
N GLY B 18 -5.47 15.18 -9.11
CA GLY B 18 -4.28 14.37 -9.24
C GLY B 18 -4.67 12.90 -9.40
N ILE B 19 -5.72 12.49 -8.70
CA ILE B 19 -6.20 11.12 -8.78
C ILE B 19 -6.84 10.87 -10.15
N ALA B 20 -7.60 11.85 -10.63
CA ALA B 20 -8.26 11.74 -11.93
C ALA B 20 -7.20 11.65 -13.04
N LYS B 21 -6.12 12.37 -12.85
CA LYS B 21 -5.03 12.38 -13.81
C LYS B 21 -4.42 10.98 -13.91
N GLU B 22 -3.95 10.46 -12.77
CA GLU B 22 -3.34 9.13 -12.73
C GLU B 22 -4.29 8.04 -13.23
N LEU B 23 -5.58 8.22 -12.98
CA LEU B 23 -6.55 7.24 -13.44
C LEU B 23 -6.60 7.29 -14.97
N SER B 24 -6.54 8.50 -15.53
CA SER B 24 -6.56 8.68 -16.98
C SER B 24 -5.35 8.03 -17.62
N LYS B 25 -4.20 8.07 -16.94
CA LYS B 25 -3.00 7.43 -17.48
C LYS B 25 -3.29 5.97 -17.78
N ARG B 26 -4.07 5.32 -16.91
CA ARG B 26 -4.42 3.91 -17.10
C ARG B 26 -5.72 3.80 -17.88
N ASN B 27 -6.11 4.90 -18.52
CA ASN B 27 -7.31 5.00 -19.35
C ASN B 27 -8.64 4.56 -18.73
N VAL B 28 -8.98 5.13 -17.58
CA VAL B 28 -10.24 4.82 -16.95
C VAL B 28 -11.16 6.04 -17.13
N LYS B 29 -12.41 5.82 -17.49
CA LYS B 29 -13.32 6.95 -17.68
C LYS B 29 -13.60 7.58 -16.32
N ILE B 30 -13.66 8.90 -16.30
CA ILE B 30 -13.87 9.64 -15.06
C ILE B 30 -15.12 10.51 -15.01
N ILE B 31 -15.87 10.40 -13.91
CA ILE B 31 -17.05 11.21 -13.72
C ILE B 31 -16.74 12.08 -12.50
N PHE B 32 -16.88 13.39 -12.65
CA PHE B 32 -16.63 14.33 -11.54
C PHE B 32 -17.91 14.76 -10.83
N GLY B 33 -17.96 14.54 -9.53
CA GLY B 33 -19.10 14.98 -8.73
C GLY B 33 -18.62 16.34 -8.24
N ILE B 34 -19.33 17.40 -8.58
CA ILE B 34 -18.94 18.76 -8.19
C ILE B 34 -19.93 19.47 -7.27
N TRP B 35 -19.39 20.08 -6.21
CA TRP B 35 -20.20 20.81 -5.24
C TRP B 35 -20.82 22.07 -5.89
N PRO B 36 -22.14 22.28 -5.70
CA PRO B 36 -22.89 23.42 -6.24
C PRO B 36 -22.29 24.82 -6.00
N PRO B 37 -21.79 25.08 -4.78
CA PRO B 37 -21.21 26.40 -4.51
C PRO B 37 -20.21 26.85 -5.57
N VAL B 38 -19.50 25.90 -6.16
CA VAL B 38 -18.49 26.21 -7.17
C VAL B 38 -18.67 25.38 -8.45
N TYR B 39 -19.90 24.96 -8.72
CA TYR B 39 -20.19 24.17 -9.90
C TYR B 39 -20.09 24.96 -11.22
N ASN B 40 -20.94 25.97 -11.37
CA ASN B 40 -20.93 26.79 -12.58
C ASN B 40 -19.53 27.34 -12.89
N ILE B 41 -18.89 27.94 -11.89
CA ILE B 41 -17.56 28.50 -12.07
C ILE B 41 -16.60 27.46 -12.63
N PHE B 42 -16.69 26.24 -12.12
CA PHE B 42 -15.83 25.16 -12.59
C PHE B 42 -16.16 24.91 -14.07
N MET B 43 -17.45 24.76 -14.38
CA MET B 43 -17.89 24.52 -15.74
C MET B 43 -17.34 25.57 -16.69
N LYS B 44 -17.53 26.83 -16.32
CA LYS B 44 -17.06 27.98 -17.11
C LYS B 44 -15.56 27.88 -17.37
N ASN B 45 -14.78 27.66 -16.32
CA ASN B 45 -13.34 27.53 -16.46
C ASN B 45 -13.00 26.39 -17.44
N TYR B 46 -13.59 25.23 -17.21
CA TYR B 46 -13.36 24.07 -18.06
C TYR B 46 -13.70 24.39 -19.50
N LYS B 47 -14.87 25.01 -19.71
CA LYS B 47 -15.34 25.37 -21.03
C LYS B 47 -14.42 26.34 -21.77
N ASN B 48 -13.90 27.35 -21.06
CA ASN B 48 -13.01 28.35 -21.66
C ASN B 48 -11.57 27.88 -21.70
N GLY B 49 -11.37 26.58 -21.48
CA GLY B 49 -10.03 26.00 -21.51
C GLY B 49 -9.07 26.45 -20.42
N LYS B 50 -9.60 26.88 -19.27
CA LYS B 50 -8.74 27.31 -18.17
C LYS B 50 -8.10 26.15 -17.41
N PHE B 51 -8.46 24.92 -17.79
CA PHE B 51 -7.89 23.73 -17.16
C PHE B 51 -7.09 22.98 -18.23
N ASP B 52 -7.26 23.39 -19.47
CA ASP B 52 -6.59 22.76 -20.60
C ASP B 52 -5.15 22.31 -20.38
N ASN B 53 -4.29 23.21 -19.90
CA ASN B 53 -2.91 22.82 -19.68
C ASN B 53 -2.66 22.11 -18.35
N ASP B 54 -3.74 21.65 -17.72
CA ASP B 54 -3.64 20.92 -16.46
C ASP B 54 -4.09 19.48 -16.67
N MET B 55 -4.74 19.24 -17.81
CA MET B 55 -5.22 17.90 -18.15
C MET B 55 -4.14 17.17 -18.93
N ILE B 56 -3.00 17.81 -19.08
CA ILE B 56 -1.86 17.23 -19.80
C ILE B 56 -1.22 16.11 -18.99
N ILE B 57 -0.73 15.09 -19.68
CA ILE B 57 -0.09 13.96 -19.02
C ILE B 57 1.20 13.59 -19.75
N ASP B 58 2.28 13.47 -18.98
CA ASP B 58 3.60 13.15 -19.52
C ASP B 58 3.54 12.41 -20.85
N LYS B 59 2.89 11.25 -20.86
CA LYS B 59 2.75 10.45 -22.07
C LYS B 59 1.87 11.11 -23.12
N ASP B 60 1.96 12.43 -23.24
CA ASP B 60 1.17 13.16 -24.22
C ASP B 60 -0.33 13.07 -23.94
N LYS B 61 -0.74 12.03 -23.22
CA LYS B 61 -2.15 11.82 -22.90
C LYS B 61 -2.83 13.10 -22.41
N LYS B 62 -4.15 13.13 -22.58
CA LYS B 62 -4.97 14.27 -22.16
C LYS B 62 -6.16 13.68 -21.41
N MET B 63 -6.27 13.98 -20.12
CA MET B 63 -7.36 13.46 -19.31
C MET B 63 -8.64 13.24 -20.11
N ASN B 64 -9.36 12.17 -19.78
CA ASN B 64 -10.60 11.85 -20.46
C ASN B 64 -11.74 11.95 -19.46
N ILE B 65 -12.40 13.10 -19.42
CA ILE B 65 -13.51 13.31 -18.48
C ILE B 65 -14.83 12.88 -19.09
N LEU B 66 -15.41 11.80 -18.56
CA LEU B 66 -16.67 11.27 -19.07
C LEU B 66 -17.84 12.22 -18.81
N ASP B 67 -17.92 12.72 -17.59
CA ASP B 67 -19.02 13.61 -17.20
C ASP B 67 -18.63 14.48 -16.00
N MET B 68 -19.39 15.54 -15.80
CA MET B 68 -19.18 16.48 -14.69
C MET B 68 -20.58 16.79 -14.16
N LEU B 69 -20.89 16.30 -12.95
CA LEU B 69 -22.21 16.49 -12.36
C LEU B 69 -22.24 17.24 -11.05
N PRO B 70 -23.33 17.98 -10.78
CA PRO B 70 -23.39 18.71 -9.51
C PRO B 70 -23.65 17.67 -8.43
N PHE B 71 -22.97 17.79 -7.28
CA PHE B 71 -23.10 16.80 -6.23
C PHE B 71 -22.81 17.36 -4.84
N ASP B 72 -23.71 17.12 -3.89
CA ASP B 72 -23.49 17.60 -2.53
C ASP B 72 -23.64 16.45 -1.53
N ALA B 73 -22.53 16.01 -0.97
CA ALA B 73 -22.47 14.90 -0.02
C ALA B 73 -23.19 15.14 1.32
N SER B 74 -23.81 16.31 1.46
CA SER B 74 -24.53 16.63 2.69
C SER B 74 -25.90 15.96 2.66
N PHE B 75 -26.38 15.66 1.46
CA PHE B 75 -27.70 15.08 1.28
C PHE B 75 -27.70 13.63 0.79
N ASP B 76 -28.37 12.76 1.55
CA ASP B 76 -28.43 11.36 1.16
C ASP B 76 -29.48 11.20 0.05
N THR B 77 -30.67 11.76 0.28
CA THR B 77 -31.73 11.69 -0.71
C THR B 77 -32.38 13.06 -0.90
N ALA B 78 -33.18 13.18 -1.97
CA ALA B 78 -33.85 14.43 -2.27
C ALA B 78 -34.72 14.92 -1.11
N ASN B 79 -35.34 13.99 -0.39
CA ASN B 79 -36.18 14.40 0.72
C ASN B 79 -35.32 14.93 1.87
N ASP B 80 -34.01 15.00 1.65
CA ASP B 80 -33.10 15.48 2.67
C ASP B 80 -32.76 16.96 2.53
N ILE B 81 -32.82 17.50 1.31
CA ILE B 81 -32.48 18.91 1.14
C ILE B 81 -33.49 19.82 1.83
N ASP B 82 -33.00 20.77 2.61
CA ASP B 82 -33.88 21.71 3.31
C ASP B 82 -34.41 22.71 2.29
N GLU B 83 -35.59 23.27 2.56
CA GLU B 83 -36.20 24.24 1.66
C GLU B 83 -35.27 25.41 1.30
N GLU B 84 -34.55 25.93 2.29
CA GLU B 84 -33.64 27.05 2.05
C GLU B 84 -32.59 26.75 0.97
N THR B 85 -31.72 25.78 1.23
CA THR B 85 -30.68 25.43 0.25
C THR B 85 -31.33 25.00 -1.06
N LYS B 86 -32.60 24.60 -0.97
CA LYS B 86 -33.38 24.15 -2.12
C LYS B 86 -33.73 25.33 -3.02
N ASN B 87 -33.98 26.49 -2.40
CA ASN B 87 -34.32 27.71 -3.11
C ASN B 87 -33.10 28.64 -3.24
N ASN B 88 -31.95 28.16 -2.76
CA ASN B 88 -30.74 28.95 -2.79
C ASN B 88 -30.24 29.27 -4.20
N LYS B 89 -29.67 30.47 -4.33
CA LYS B 89 -29.12 31.00 -5.59
C LYS B 89 -28.29 30.01 -6.41
N ARG B 90 -27.53 29.15 -5.76
CA ARG B 90 -26.69 28.18 -6.48
C ARG B 90 -27.36 26.84 -6.80
N TYR B 91 -28.27 26.40 -5.93
CA TYR B 91 -28.93 25.10 -6.12
C TYR B 91 -30.23 25.07 -6.93
N ASN B 92 -30.87 26.22 -7.11
CA ASN B 92 -32.13 26.29 -7.84
C ASN B 92 -32.11 25.65 -9.22
N MET B 93 -31.22 26.13 -10.08
CA MET B 93 -31.10 25.63 -11.44
C MET B 93 -30.71 24.15 -11.49
N LEU B 94 -30.13 23.65 -10.40
CA LEU B 94 -29.65 22.28 -10.33
C LEU B 94 -30.62 21.22 -9.80
N GLN B 95 -30.33 19.96 -10.16
CA GLN B 95 -31.16 18.82 -9.73
C GLN B 95 -30.33 17.53 -9.68
N ASN B 96 -30.88 16.50 -9.04
CA ASN B 96 -30.20 15.21 -8.91
C ASN B 96 -28.80 15.36 -8.33
N TYR B 97 -28.67 16.11 -7.24
CA TYR B 97 -27.36 16.30 -6.66
C TYR B 97 -27.12 15.59 -5.32
N THR B 98 -28.13 14.87 -4.85
CA THR B 98 -27.98 14.13 -3.60
C THR B 98 -27.21 12.85 -3.94
N ILE B 99 -26.71 12.18 -2.91
CA ILE B 99 -25.96 10.95 -3.12
C ILE B 99 -26.78 9.90 -3.85
N GLU B 100 -28.02 9.72 -3.41
CA GLU B 100 -28.89 8.74 -4.04
C GLU B 100 -29.14 9.11 -5.51
N ASP B 101 -29.50 10.37 -5.75
CA ASP B 101 -29.79 10.82 -7.11
C ASP B 101 -28.63 10.69 -8.08
N VAL B 102 -27.44 11.11 -7.69
CA VAL B 102 -26.30 11.01 -8.59
C VAL B 102 -25.96 9.54 -8.84
N ALA B 103 -26.06 8.73 -7.79
CA ALA B 103 -25.79 7.31 -7.91
C ALA B 103 -26.73 6.76 -8.98
N ASN B 104 -28.00 7.12 -8.88
CA ASN B 104 -29.02 6.66 -9.84
C ASN B 104 -28.77 7.21 -11.23
N LEU B 105 -28.46 8.49 -11.29
CA LEU B 105 -28.19 9.16 -12.56
C LEU B 105 -27.03 8.45 -13.26
N ILE B 106 -25.95 8.20 -12.53
CA ILE B 106 -24.78 7.54 -13.10
C ILE B 106 -25.15 6.19 -13.71
N HIS B 107 -25.79 5.34 -12.91
CA HIS B 107 -26.18 4.01 -13.35
C HIS B 107 -27.10 4.03 -14.56
N GLN B 108 -28.04 4.97 -14.54
CA GLN B 108 -29.03 5.14 -15.59
C GLN B 108 -28.39 5.59 -16.90
N LYS B 109 -27.30 6.33 -16.79
CA LYS B 109 -26.63 6.86 -17.96
C LYS B 109 -25.43 6.05 -18.48
N TYR B 110 -24.74 5.34 -17.59
CA TYR B 110 -23.56 4.56 -17.98
C TYR B 110 -23.54 3.12 -17.48
N GLY B 111 -24.54 2.74 -16.70
CA GLY B 111 -24.57 1.39 -16.17
C GLY B 111 -23.76 1.32 -14.88
N LYS B 112 -23.40 0.11 -14.46
CA LYS B 112 -22.61 -0.08 -13.25
C LYS B 112 -21.16 0.35 -13.44
N ILE B 113 -20.62 1.03 -12.42
CA ILE B 113 -19.23 1.49 -12.46
C ILE B 113 -18.44 0.56 -11.54
N ASN B 114 -17.15 0.76 -11.41
CA ASN B 114 -16.38 -0.14 -10.58
C ASN B 114 -15.28 0.53 -9.78
N MET B 115 -15.35 1.84 -9.67
CA MET B 115 -14.37 2.57 -8.89
C MET B 115 -15.06 3.76 -8.25
N LEU B 116 -14.76 3.99 -6.98
CA LEU B 116 -15.37 5.08 -6.24
C LEU B 116 -14.32 5.80 -5.41
N VAL B 117 -14.23 7.12 -5.60
CA VAL B 117 -13.26 7.90 -4.85
C VAL B 117 -13.87 8.99 -4.01
N HIS B 118 -13.61 8.93 -2.71
CA HIS B 118 -14.10 9.94 -1.77
C HIS B 118 -12.90 10.86 -1.48
N SER B 119 -12.96 12.07 -2.03
CA SER B 119 -11.90 13.04 -1.87
C SER B 119 -12.41 14.35 -1.32
N LEU B 120 -13.16 14.29 -0.23
CA LEU B 120 -13.67 15.53 0.34
C LEU B 120 -13.75 15.54 1.87
N ALA B 121 -13.82 16.74 2.40
CA ALA B 121 -13.91 16.97 3.83
C ALA B 121 -14.38 18.39 3.99
N ASN B 122 -14.85 18.74 5.18
CA ASN B 122 -15.31 20.08 5.43
C ASN B 122 -15.65 20.16 6.90
N ALA B 123 -15.55 21.36 7.44
CA ALA B 123 -15.84 21.59 8.83
C ALA B 123 -15.96 23.09 8.97
N LYS B 124 -17.07 23.54 9.54
CA LYS B 124 -17.28 24.97 9.69
C LYS B 124 -16.32 25.62 10.68
N GLU B 125 -15.93 24.88 11.71
CA GLU B 125 -15.04 25.41 12.74
C GLU B 125 -13.60 24.88 12.72
N VAL B 126 -13.11 24.53 11.54
CA VAL B 126 -11.75 24.00 11.44
C VAL B 126 -10.73 24.94 12.08
N GLN B 127 -11.01 26.24 12.06
CA GLN B 127 -10.11 27.24 12.63
C GLN B 127 -10.01 27.20 14.15
N LYS B 128 -11.05 26.69 14.81
CA LYS B 128 -11.08 26.60 16.26
C LYS B 128 -10.51 25.25 16.68
N ASP B 129 -9.91 25.19 17.87
CA ASP B 129 -9.38 23.92 18.32
C ASP B 129 -10.49 23.13 19.01
N LEU B 130 -10.30 21.82 19.08
CA LEU B 130 -11.27 20.90 19.68
C LEU B 130 -12.04 21.45 20.86
N LEU B 131 -11.33 21.79 21.94
CA LEU B 131 -11.94 22.31 23.15
C LEU B 131 -12.95 23.43 22.90
N ASN B 132 -12.66 24.28 21.93
CA ASN B 132 -13.51 25.41 21.61
C ASN B 132 -14.46 25.18 20.44
N THR B 133 -14.54 23.94 19.96
CA THR B 133 -15.45 23.63 18.88
C THR B 133 -16.82 23.36 19.49
N SER B 134 -17.87 23.87 18.86
CA SER B 134 -19.23 23.69 19.33
C SER B 134 -19.79 22.35 18.85
N ARG B 135 -20.84 21.87 19.51
CA ARG B 135 -21.46 20.61 19.14
C ARG B 135 -21.89 20.68 17.67
N LYS B 136 -22.50 21.80 17.33
CA LYS B 136 -22.96 22.06 15.98
C LYS B 136 -21.82 21.85 14.98
N GLY B 137 -20.72 22.57 15.18
CA GLY B 137 -19.57 22.48 14.29
C GLY B 137 -18.97 21.09 14.25
N TYR B 138 -18.82 20.49 15.44
CA TYR B 138 -18.26 19.16 15.55
C TYR B 138 -19.08 18.16 14.77
N LEU B 139 -20.39 18.16 14.97
CA LEU B 139 -21.26 17.24 14.27
C LEU B 139 -21.25 17.54 12.78
N ASP B 140 -20.92 18.77 12.42
CA ASP B 140 -20.86 19.15 11.02
C ASP B 140 -19.63 18.55 10.35
N ALA B 141 -18.50 18.58 11.05
CA ALA B 141 -17.26 18.03 10.52
C ALA B 141 -17.41 16.54 10.28
N LEU B 142 -18.07 15.85 11.22
CA LEU B 142 -18.27 14.42 11.08
C LEU B 142 -19.31 14.05 10.05
N SER B 143 -20.33 14.88 9.90
CA SER B 143 -21.38 14.62 8.93
C SER B 143 -20.86 14.74 7.51
N LYS B 144 -20.08 15.79 7.27
CA LYS B 144 -19.55 16.06 5.96
C LYS B 144 -18.31 15.26 5.60
N SER B 145 -17.41 15.10 6.57
CA SER B 145 -16.14 14.42 6.33
C SER B 145 -16.11 12.91 6.54
N SER B 146 -16.99 12.39 7.39
CA SER B 146 -17.00 10.97 7.68
C SER B 146 -18.25 10.23 7.22
N TYR B 147 -19.42 10.71 7.62
CA TYR B 147 -20.65 10.03 7.24
C TYR B 147 -20.86 9.97 5.73
N SER B 148 -20.47 11.03 5.03
CA SER B 148 -20.62 11.06 3.59
C SER B 148 -20.02 9.80 2.97
N LEU B 149 -18.90 9.32 3.51
CA LEU B 149 -18.27 8.10 3.01
C LEU B 149 -19.18 6.88 3.08
N ILE B 150 -19.81 6.70 4.23
CA ILE B 150 -20.72 5.59 4.48
C ILE B 150 -21.95 5.69 3.56
N SER B 151 -22.57 6.86 3.51
CA SER B 151 -23.73 7.08 2.68
C SER B 151 -23.33 6.84 1.22
N LEU B 152 -22.19 7.40 0.82
CA LEU B 152 -21.65 7.25 -0.51
C LEU B 152 -21.58 5.76 -0.89
N CYS B 153 -21.07 4.97 0.04
CA CYS B 153 -20.93 3.53 -0.17
C CYS B 153 -22.28 2.84 -0.29
N LYS B 154 -23.15 3.13 0.67
CA LYS B 154 -24.47 2.51 0.70
C LYS B 154 -25.23 2.59 -0.62
N TYR B 155 -25.18 3.76 -1.25
CA TYR B 155 -25.90 3.98 -2.51
C TYR B 155 -25.15 3.51 -3.74
N PHE B 156 -23.83 3.68 -3.74
CA PHE B 156 -23.03 3.27 -4.88
C PHE B 156 -22.78 1.77 -4.93
N VAL B 157 -22.70 1.14 -3.76
CA VAL B 157 -22.45 -0.30 -3.69
C VAL B 157 -23.40 -1.03 -4.64
N ASN B 158 -24.60 -0.49 -4.80
CA ASN B 158 -25.60 -1.11 -5.67
C ASN B 158 -25.40 -0.90 -7.16
N ILE B 159 -24.64 0.12 -7.53
CA ILE B 159 -24.38 0.36 -8.94
C ILE B 159 -22.94 -0.01 -9.24
N MET B 160 -22.36 -0.86 -8.39
CA MET B 160 -20.99 -1.31 -8.56
C MET B 160 -20.91 -2.83 -8.76
N LYS B 161 -20.12 -3.25 -9.73
CA LYS B 161 -19.96 -4.68 -10.00
C LYS B 161 -19.12 -5.30 -8.89
N PRO B 162 -19.01 -6.63 -8.89
CA PRO B 162 -18.19 -7.26 -7.85
C PRO B 162 -16.74 -6.97 -8.18
N GLN B 163 -15.90 -6.94 -7.14
CA GLN B 163 -14.47 -6.68 -7.30
C GLN B 163 -14.13 -5.22 -7.52
N SER B 164 -15.12 -4.35 -7.38
CA SER B 164 -14.89 -2.93 -7.55
C SER B 164 -14.15 -2.43 -6.30
N SER B 165 -13.51 -1.28 -6.41
CA SER B 165 -12.75 -0.72 -5.30
C SER B 165 -13.15 0.70 -4.92
N ILE B 166 -13.02 1.01 -3.64
CA ILE B 166 -13.37 2.32 -3.11
C ILE B 166 -12.17 2.84 -2.30
N ILE B 167 -11.98 4.16 -2.31
CA ILE B 167 -10.89 4.76 -1.55
C ILE B 167 -11.30 6.15 -1.10
N SER B 168 -10.69 6.62 -0.01
CA SER B 168 -10.95 7.94 0.51
C SER B 168 -9.60 8.47 1.02
N LEU B 169 -9.56 9.74 1.42
CA LEU B 169 -8.32 10.34 1.93
C LEU B 169 -8.42 10.69 3.41
N THR B 170 -7.31 10.57 4.12
CA THR B 170 -7.28 10.88 5.54
C THR B 170 -5.96 11.54 5.88
N TYR B 171 -5.81 11.94 7.13
CA TYR B 171 -4.61 12.61 7.60
C TYR B 171 -4.19 12.06 8.97
N HIS B 172 -2.89 11.87 9.13
CA HIS B 172 -2.29 11.34 10.34
C HIS B 172 -2.73 12.00 11.66
N ALA B 173 -3.27 13.22 11.60
CA ALA B 173 -3.71 13.91 12.81
C ALA B 173 -4.72 13.10 13.62
N SER B 174 -5.29 12.08 12.98
CA SER B 174 -6.25 11.20 13.63
C SER B 174 -5.56 10.32 14.67
N GLN B 175 -4.31 9.96 14.39
CA GLN B 175 -3.54 9.08 15.28
C GLN B 175 -2.57 9.78 16.24
N LYS B 176 -2.05 10.93 15.82
CA LYS B 176 -1.11 11.71 16.64
C LYS B 176 -1.60 13.15 16.61
N VAL B 177 -1.35 13.89 17.68
CA VAL B 177 -1.86 15.26 17.69
C VAL B 177 -1.09 16.30 16.89
N VAL B 178 -1.87 17.10 16.17
CA VAL B 178 -1.31 18.18 15.38
C VAL B 178 -2.14 19.39 15.75
N PRO B 179 -1.56 20.30 16.53
CA PRO B 179 -2.36 21.49 16.89
C PRO B 179 -2.64 22.28 15.61
N GLY B 180 -3.82 22.89 15.53
CA GLY B 180 -4.13 23.64 14.34
C GLY B 180 -5.08 22.91 13.39
N TYR B 181 -5.16 21.60 13.50
CA TYR B 181 -6.08 20.85 12.66
C TYR B 181 -7.31 20.66 13.54
N GLY B 182 -8.09 21.73 13.68
CA GLY B 182 -9.27 21.69 14.54
C GLY B 182 -10.64 21.51 13.93
N GLY B 183 -11.64 22.04 14.63
CA GLY B 183 -13.01 21.95 14.17
C GLY B 183 -13.55 20.54 14.32
N GLY B 184 -12.70 19.63 14.78
CA GLY B 184 -13.13 18.26 14.93
C GLY B 184 -12.76 17.46 13.70
N MET B 185 -11.92 18.03 12.84
CA MET B 185 -11.46 17.35 11.64
C MET B 185 -10.56 16.15 11.98
N SER B 186 -9.81 16.26 13.06
CA SER B 186 -8.96 15.15 13.46
C SER B 186 -9.89 14.04 13.96
N SER B 187 -11.00 14.44 14.55
CA SER B 187 -11.99 13.50 15.07
C SER B 187 -12.69 12.81 13.89
N ALA B 188 -12.96 13.57 12.84
CA ALA B 188 -13.64 13.02 11.67
C ALA B 188 -12.71 12.05 10.95
N LYS B 189 -11.42 12.38 10.91
CA LYS B 189 -10.47 11.49 10.26
C LYS B 189 -10.35 10.18 11.04
N ALA B 190 -10.36 10.26 12.37
CA ALA B 190 -10.28 9.05 13.19
C ALA B 190 -11.49 8.15 12.95
N ALA B 191 -12.67 8.74 12.77
CA ALA B 191 -13.87 7.96 12.51
C ALA B 191 -13.82 7.33 11.11
N LEU B 192 -13.38 8.12 10.14
CA LEU B 192 -13.27 7.65 8.76
C LEU B 192 -12.36 6.40 8.71
N GLU B 193 -11.25 6.45 9.41
CA GLU B 193 -10.30 5.34 9.43
C GLU B 193 -10.86 4.07 10.07
N SER B 194 -11.61 4.25 11.17
CA SER B 194 -12.23 3.14 11.85
C SER B 194 -13.37 2.59 10.98
N ASP B 195 -14.10 3.48 10.31
CA ASP B 195 -15.22 3.11 9.45
C ASP B 195 -14.73 2.41 8.20
N THR B 196 -13.49 2.72 7.83
CA THR B 196 -12.92 2.12 6.64
C THR B 196 -12.72 0.61 6.89
N ARG B 197 -12.50 0.23 8.14
CA ARG B 197 -12.34 -1.19 8.48
C ARG B 197 -13.70 -1.87 8.59
N VAL B 198 -14.61 -1.27 9.35
CA VAL B 198 -15.94 -1.84 9.51
C VAL B 198 -16.59 -2.05 8.16
N LEU B 199 -16.45 -1.07 7.27
CA LEU B 199 -17.02 -1.15 5.93
C LEU B 199 -16.34 -2.23 5.09
N ALA B 200 -15.03 -2.38 5.28
CA ALA B 200 -14.30 -3.38 4.51
C ALA B 200 -14.80 -4.78 4.85
N TYR B 201 -15.18 -5.00 6.10
CA TYR B 201 -15.69 -6.29 6.51
C TYR B 201 -16.98 -6.60 5.78
N HIS B 202 -17.93 -5.68 5.89
CA HIS B 202 -19.24 -5.82 5.28
C HIS B 202 -19.22 -5.81 3.76
N LEU B 203 -18.60 -4.80 3.17
CA LEU B 203 -18.54 -4.73 1.71
C LEU B 203 -17.77 -5.94 1.19
N GLY B 204 -16.80 -6.39 1.97
CA GLY B 204 -16.01 -7.53 1.56
C GLY B 204 -16.83 -8.79 1.52
N ARG B 205 -17.39 -9.15 2.66
CA ARG B 205 -18.20 -10.35 2.78
C ARG B 205 -19.46 -10.43 1.92
N ASN B 206 -20.17 -9.31 1.77
CA ASN B 206 -21.42 -9.29 1.02
C ASN B 206 -21.38 -8.91 -0.46
N TYR B 207 -20.38 -8.15 -0.88
CA TYR B 207 -20.31 -7.71 -2.28
C TYR B 207 -18.97 -7.99 -2.93
N ASN B 208 -18.00 -8.42 -2.15
CA ASN B 208 -16.67 -8.68 -2.69
C ASN B 208 -16.11 -7.35 -3.23
N ILE B 209 -16.34 -6.27 -2.49
CA ILE B 209 -15.85 -4.95 -2.87
C ILE B 209 -14.85 -4.50 -1.81
N ARG B 210 -13.78 -3.86 -2.26
CA ARG B 210 -12.74 -3.38 -1.36
C ARG B 210 -12.84 -1.89 -1.07
N ILE B 211 -12.36 -1.50 0.11
CA ILE B 211 -12.33 -0.11 0.52
C ILE B 211 -11.10 0.12 1.39
N ASN B 212 -10.33 1.14 1.02
CA ASN B 212 -9.12 1.50 1.75
C ASN B 212 -9.05 3.01 1.85
N THR B 213 -8.15 3.50 2.68
CA THR B 213 -8.01 4.94 2.80
C THR B 213 -6.54 5.36 2.67
N ILE B 214 -6.31 6.56 2.17
CA ILE B 214 -4.95 7.07 1.99
C ILE B 214 -4.65 8.27 2.91
N SER B 215 -3.64 8.13 3.76
CA SER B 215 -3.23 9.17 4.67
C SER B 215 -2.16 9.95 3.93
N ALA B 216 -2.56 11.11 3.41
CA ALA B 216 -1.68 11.97 2.60
C ALA B 216 -0.84 13.01 3.31
N GLY B 217 0.26 13.37 2.66
CA GLY B 217 1.16 14.38 3.17
C GLY B 217 0.53 15.74 2.88
N PRO B 218 1.25 16.84 3.10
CA PRO B 218 0.71 18.19 2.86
C PRO B 218 0.62 18.59 1.39
N LEU B 219 -0.49 19.23 1.03
CA LEU B 219 -0.70 19.71 -0.33
C LEU B 219 -1.35 21.07 -0.20
N LYS B 220 -0.87 22.06 -0.95
CA LYS B 220 -1.49 23.38 -0.85
C LYS B 220 -2.67 23.44 -1.80
N SER B 221 -3.82 23.02 -1.28
CA SER B 221 -5.05 23.02 -2.05
C SER B 221 -5.98 24.04 -1.41
N ARG B 222 -7.13 24.28 -2.05
CA ARG B 222 -8.09 25.23 -1.53
C ARG B 222 -8.48 24.86 -0.11
N ALA B 223 -8.90 23.62 0.10
CA ALA B 223 -9.30 23.16 1.43
C ALA B 223 -8.22 23.41 2.48
N ALA B 224 -7.02 22.90 2.24
CA ALA B 224 -5.90 23.06 3.15
C ALA B 224 -5.71 24.51 3.60
N THR B 225 -5.72 25.43 2.64
CA THR B 225 -5.52 26.85 2.94
C THR B 225 -6.60 27.37 3.88
N ALA B 226 -7.79 26.77 3.79
CA ALA B 226 -8.90 27.17 4.63
C ALA B 226 -8.51 27.16 6.11
N ILE B 227 -7.59 26.26 6.49
CA ILE B 227 -7.15 26.16 7.87
C ILE B 227 -6.72 27.53 8.40
N ASN B 228 -5.83 28.21 7.70
CA ASN B 228 -5.35 29.52 8.13
C ASN B 228 -4.83 29.45 9.57
N LYS B 229 -3.50 29.41 9.73
CA LYS B 229 -2.90 29.32 11.06
C LYS B 229 -1.51 29.99 11.10
N TYR C 1 -3.09 -31.35 11.10
CA TYR C 1 -2.88 -30.93 9.68
C TYR C 1 -2.07 -29.64 9.57
N THR C 2 -0.91 -29.64 10.22
CA THR C 2 0.03 -28.50 10.24
C THR C 2 -0.59 -27.13 10.56
N PHE C 3 0.18 -26.34 11.30
CA PHE C 3 -0.20 -24.99 11.70
C PHE C 3 -0.67 -24.17 10.51
N ILE C 4 0.03 -24.34 9.39
CA ILE C 4 -0.26 -23.61 8.18
C ILE C 4 -1.64 -23.89 7.57
N ASP C 5 -2.07 -25.15 7.60
CA ASP C 5 -3.38 -25.47 7.03
C ASP C 5 -4.51 -24.88 7.88
N TYR C 6 -4.30 -24.82 9.19
CA TYR C 6 -5.29 -24.25 10.10
C TYR C 6 -5.47 -22.78 9.81
N ALA C 7 -4.33 -22.10 9.66
CA ALA C 7 -4.30 -20.66 9.39
C ALA C 7 -5.03 -20.31 8.10
N ILE C 8 -4.79 -21.09 7.06
CA ILE C 8 -5.45 -20.82 5.79
C ILE C 8 -6.95 -21.11 5.86
N GLU C 9 -7.32 -22.15 6.62
CA GLU C 9 -8.74 -22.49 6.77
C GLU C 9 -9.44 -21.35 7.51
N TYR C 10 -8.80 -20.86 8.56
CA TYR C 10 -9.33 -19.77 9.37
C TYR C 10 -9.44 -18.47 8.55
N SER C 11 -8.40 -18.21 7.76
CA SER C 11 -8.39 -17.01 6.93
C SER C 11 -9.47 -17.05 5.87
N GLU C 12 -9.66 -18.20 5.23
CA GLU C 12 -10.68 -18.34 4.20
C GLU C 12 -12.09 -18.34 4.78
N LYS C 13 -12.20 -18.30 6.09
CA LYS C 13 -13.51 -18.32 6.74
C LYS C 13 -13.90 -16.96 7.34
N TYR C 14 -12.98 -16.38 8.12
CA TYR C 14 -13.24 -15.11 8.79
C TYR C 14 -12.70 -13.84 8.17
N ALA C 15 -11.92 -13.97 7.09
CA ALA C 15 -11.34 -12.80 6.45
C ALA C 15 -12.35 -12.02 5.64
N PRO C 16 -12.22 -10.67 5.61
CA PRO C 16 -13.11 -9.78 4.87
C PRO C 16 -13.30 -10.22 3.41
N LEU C 17 -12.21 -10.64 2.78
CA LEU C 17 -12.24 -11.10 1.40
C LEU C 17 -12.19 -12.63 1.38
N ARG C 18 -13.19 -13.23 0.75
CA ARG C 18 -13.31 -14.67 0.70
C ARG C 18 -12.43 -15.44 -0.28
N GLN C 19 -11.92 -14.79 -1.32
CA GLN C 19 -11.10 -15.53 -2.29
C GLN C 19 -9.83 -16.11 -1.66
N LYS C 20 -9.26 -17.10 -2.34
CA LYS C 20 -8.03 -17.74 -1.87
C LYS C 20 -6.88 -16.77 -2.13
N LEU C 21 -5.99 -16.63 -1.14
CA LEU C 21 -4.86 -15.72 -1.28
C LEU C 21 -3.78 -16.38 -2.12
N LEU C 22 -3.36 -15.71 -3.18
CA LEU C 22 -2.34 -16.26 -4.06
C LEU C 22 -0.97 -15.63 -3.84
N SER C 23 0.08 -16.40 -4.12
CA SER C 23 1.44 -15.91 -3.98
C SER C 23 1.59 -14.69 -4.89
N THR C 24 0.84 -14.67 -5.99
CA THR C 24 0.91 -13.54 -6.91
C THR C 24 0.11 -12.33 -6.40
N ASP C 25 -0.71 -12.53 -5.38
CA ASP C 25 -1.45 -11.42 -4.81
C ASP C 25 -0.45 -10.54 -4.07
N ILE C 26 0.50 -11.19 -3.41
CA ILE C 26 1.55 -10.48 -2.70
C ILE C 26 2.55 -9.94 -3.73
N GLY C 27 2.75 -10.72 -4.79
CA GLY C 27 3.66 -10.32 -5.86
C GLY C 27 3.28 -9.02 -6.55
N SER C 28 2.02 -8.90 -6.90
CA SER C 28 1.55 -7.68 -7.57
C SER C 28 1.79 -6.49 -6.63
N VAL C 29 1.43 -6.62 -5.36
CA VAL C 29 1.63 -5.54 -4.40
C VAL C 29 3.13 -5.21 -4.30
N ALA C 30 3.96 -6.25 -4.31
CA ALA C 30 5.41 -6.08 -4.23
C ALA C 30 5.91 -5.32 -5.46
N SER C 31 5.37 -5.67 -6.63
CA SER C 31 5.74 -5.03 -7.88
C SER C 31 5.52 -3.53 -7.74
N PHE C 32 4.30 -3.16 -7.38
CA PHE C 32 3.94 -1.76 -7.21
C PHE C 32 4.88 -0.99 -6.27
N LEU C 33 5.21 -1.59 -5.12
CA LEU C 33 6.09 -0.95 -4.14
C LEU C 33 7.53 -0.83 -4.62
N LEU C 34 7.95 -1.71 -5.53
CA LEU C 34 9.31 -1.64 -6.02
C LEU C 34 9.42 -0.65 -7.19
N SER C 35 8.27 -0.11 -7.62
CA SER C 35 8.24 0.84 -8.73
C SER C 35 8.13 2.29 -8.28
N ARG C 36 8.34 3.20 -9.21
CA ARG C 36 8.27 4.63 -8.96
C ARG C 36 6.83 5.08 -8.70
N GLU C 37 5.87 4.22 -9.03
CA GLU C 37 4.46 4.53 -8.82
C GLU C 37 4.20 4.77 -7.33
N SER C 38 5.04 4.19 -6.48
CA SER C 38 4.89 4.35 -5.04
C SER C 38 6.08 5.11 -4.45
N ARG C 39 6.54 6.14 -5.17
CA ARG C 39 7.68 6.96 -4.76
C ARG C 39 7.45 7.76 -3.47
N ALA C 40 6.21 7.85 -3.01
CA ALA C 40 5.93 8.61 -1.79
C ALA C 40 5.71 7.71 -0.59
N ILE C 41 5.96 6.42 -0.76
CA ILE C 41 5.76 5.46 0.33
C ILE C 41 7.08 4.88 0.82
N THR C 42 7.25 4.81 2.13
CA THR C 42 8.47 4.23 2.68
C THR C 42 8.40 3.99 4.19
N GLY C 43 9.03 2.91 4.63
CA GLY C 43 9.03 2.56 6.05
C GLY C 43 7.70 2.00 6.52
N GLN C 44 6.86 1.58 5.59
CA GLN C 44 5.55 1.05 5.96
C GLN C 44 5.46 -0.47 5.95
N THR C 45 4.52 -0.96 6.75
CA THR C 45 4.20 -2.37 6.82
C THR C 45 2.85 -2.38 6.12
N ILE C 46 2.82 -2.89 4.89
CA ILE C 46 1.57 -2.95 4.13
C ILE C 46 0.98 -4.36 4.16
N TYR C 47 -0.27 -4.45 4.62
CA TYR C 47 -0.98 -5.72 4.73
C TYR C 47 -1.66 -6.19 3.44
N VAL C 48 -1.33 -7.42 3.06
CA VAL C 48 -1.90 -8.08 1.88
C VAL C 48 -2.23 -9.43 2.47
N ASP C 49 -3.42 -9.49 3.07
CA ASP C 49 -3.88 -10.69 3.77
C ASP C 49 -5.41 -10.79 3.69
N ASN C 50 -5.98 -10.27 2.62
CA ASN C 50 -7.43 -10.26 2.43
C ASN C 50 -8.17 -9.55 3.57
N GLY C 51 -7.43 -8.68 4.27
CA GLY C 51 -7.99 -7.89 5.35
C GLY C 51 -8.16 -8.51 6.72
N LEU C 52 -7.78 -9.79 6.86
CA LEU C 52 -7.92 -10.49 8.14
C LEU C 52 -7.44 -9.68 9.34
N ASN C 53 -6.34 -8.94 9.16
CA ASN C 53 -5.73 -8.12 10.21
C ASN C 53 -6.63 -7.07 10.86
N ILE C 54 -7.71 -6.65 10.18
CA ILE C 54 -8.60 -5.63 10.73
C ILE C 54 -9.63 -6.23 11.70
N MET C 55 -9.75 -7.55 11.70
CA MET C 55 -10.70 -8.24 12.57
C MET C 55 -10.25 -8.40 14.03
N PHE C 56 -11.17 -8.25 14.95
CA PHE C 56 -10.84 -8.44 16.37
C PHE C 56 -11.18 -9.87 16.74
N LEU C 57 -12.47 -10.17 16.84
CA LEU C 57 -12.88 -11.51 17.17
C LEU C 57 -13.81 -12.04 16.09
N PRO C 58 -13.68 -13.33 15.75
CA PRO C 58 -14.54 -13.91 14.71
C PRO C 58 -16.01 -13.83 15.09
N ASP C 59 -16.88 -13.68 14.09
CA ASP C 59 -18.32 -13.61 14.32
C ASP C 59 -18.90 -15.01 14.42
N ASP C 60 -18.06 -15.93 14.88
CA ASP C 60 -18.44 -17.34 15.03
C ASP C 60 -17.66 -17.97 16.19
N TYR D 1 1.67 32.51 7.86
CA TYR D 1 1.65 31.82 6.54
C TYR D 1 0.75 30.58 6.52
N THR D 2 -0.34 30.64 7.29
CA THR D 2 -1.29 29.54 7.37
C THR D 2 -0.64 28.19 7.71
N PHE D 3 -1.43 27.39 8.41
CA PHE D 3 -1.06 26.07 8.84
C PHE D 3 -0.44 25.21 7.74
N ILE D 4 -1.01 25.22 6.54
CA ILE D 4 -0.54 24.38 5.45
C ILE D 4 0.85 24.65 4.88
N ASP D 5 1.27 25.91 4.76
CA ASP D 5 2.61 26.21 4.24
C ASP D 5 3.67 25.73 5.25
N TYR D 6 3.33 25.82 6.52
CA TYR D 6 4.20 25.37 7.60
C TYR D 6 4.37 23.87 7.47
N ALA D 7 3.24 23.18 7.27
CA ALA D 7 3.25 21.74 7.14
C ALA D 7 4.07 21.26 5.94
N ILE D 8 4.01 22.00 4.82
CA ILE D 8 4.76 21.61 3.63
C ILE D 8 6.26 21.79 3.86
N GLU D 9 6.64 22.93 4.41
CA GLU D 9 8.04 23.22 4.67
C GLU D 9 8.66 22.20 5.63
N TYR D 10 7.94 21.92 6.72
CA TYR D 10 8.43 20.97 7.71
C TYR D 10 8.56 19.56 7.12
N SER D 11 7.59 19.16 6.31
CA SER D 11 7.63 17.84 5.71
C SER D 11 8.82 17.71 4.77
N GLU D 12 9.00 18.70 3.90
CA GLU D 12 10.10 18.67 2.96
C GLU D 12 11.48 18.73 3.61
N LYS D 13 11.52 19.15 4.86
CA LYS D 13 12.79 19.26 5.59
C LYS D 13 13.05 18.11 6.57
N TYR D 14 12.00 17.43 7.01
CA TYR D 14 12.19 16.36 7.98
C TYR D 14 11.72 14.97 7.56
N ALA D 15 11.10 14.87 6.40
CA ALA D 15 10.62 13.57 5.95
C ALA D 15 11.75 12.71 5.44
N PRO D 16 11.59 11.39 5.53
CA PRO D 16 12.63 10.49 5.05
C PRO D 16 13.01 10.84 3.62
N LEU D 17 12.01 11.04 2.77
CA LEU D 17 12.24 11.41 1.38
C LEU D 17 12.09 12.93 1.26
N ARG D 18 13.06 13.54 0.59
CA ARG D 18 13.09 14.99 0.41
C ARG D 18 12.26 15.61 -0.70
N GLN D 19 11.94 14.85 -1.73
CA GLN D 19 11.17 15.39 -2.84
C GLN D 19 9.85 16.06 -2.44
N LYS D 20 9.40 17.00 -3.26
CA LYS D 20 8.14 17.68 -3.00
C LYS D 20 7.05 16.66 -3.30
N LEU D 21 6.06 16.59 -2.41
CA LEU D 21 4.95 15.65 -2.56
C LEU D 21 3.97 16.27 -3.54
N LEU D 22 3.61 15.51 -4.58
CA LEU D 22 2.69 15.99 -5.60
C LEU D 22 1.35 15.27 -5.53
N SER D 23 0.30 15.91 -6.02
CA SER D 23 -1.02 15.33 -6.04
C SER D 23 -0.96 14.00 -6.79
N THR D 24 -0.19 13.96 -7.87
CA THR D 24 -0.05 12.74 -8.67
C THR D 24 0.61 11.58 -7.90
N ASP D 25 1.34 11.89 -6.83
CA ASP D 25 1.96 10.86 -6.02
C ASP D 25 0.85 10.09 -5.27
N ILE D 26 -0.12 10.82 -4.73
CA ILE D 26 -1.24 10.20 -4.05
C ILE D 26 -2.12 9.60 -5.14
N GLY D 27 -2.12 10.26 -6.30
CA GLY D 27 -2.91 9.80 -7.43
C GLY D 27 -2.54 8.42 -7.93
N SER D 28 -1.24 8.14 -8.05
CA SER D 28 -0.80 6.83 -8.53
C SER D 28 -0.98 5.71 -7.50
N VAL D 29 -0.97 6.05 -6.22
CA VAL D 29 -1.18 5.05 -5.19
C VAL D 29 -2.68 4.74 -5.20
N ALA D 30 -3.49 5.78 -5.36
CA ALA D 30 -4.95 5.63 -5.40
C ALA D 30 -5.34 4.79 -6.62
N SER D 31 -4.63 5.02 -7.72
CA SER D 31 -4.89 4.28 -8.94
C SER D 31 -4.63 2.80 -8.67
N PHE D 32 -3.53 2.53 -7.96
CA PHE D 32 -3.14 1.17 -7.61
C PHE D 32 -4.18 0.47 -6.71
N LEU D 33 -4.56 1.14 -5.62
CA LEU D 33 -5.54 0.60 -4.70
C LEU D 33 -6.87 0.33 -5.40
N LEU D 34 -7.17 1.12 -6.43
CA LEU D 34 -8.42 0.95 -7.17
C LEU D 34 -8.35 -0.17 -8.18
N SER D 35 -7.14 -0.48 -8.65
CA SER D 35 -6.97 -1.53 -9.63
C SER D 35 -6.93 -2.93 -8.97
N ARG D 36 -7.12 -3.96 -9.78
CA ARG D 36 -7.11 -5.35 -9.34
C ARG D 36 -5.77 -5.75 -8.73
N GLU D 37 -4.73 -4.99 -9.05
CA GLU D 37 -3.40 -5.26 -8.53
C GLU D 37 -3.37 -5.33 -7.00
N SER D 38 -4.35 -4.71 -6.35
CA SER D 38 -4.42 -4.70 -4.90
C SER D 38 -5.60 -5.52 -4.39
N ARG D 39 -6.09 -6.42 -5.22
CA ARG D 39 -7.25 -7.26 -4.87
C ARG D 39 -7.19 -7.89 -3.48
N ALA D 40 -5.99 -8.01 -2.90
CA ALA D 40 -5.87 -8.61 -1.57
C ALA D 40 -5.74 -7.59 -0.42
N ILE D 41 -5.78 -6.30 -0.73
CA ILE D 41 -5.68 -5.26 0.29
C ILE D 41 -7.05 -4.65 0.57
N THR D 42 -7.41 -4.52 1.85
CA THR D 42 -8.69 -3.91 2.20
C THR D 42 -8.78 -3.49 3.66
N GLY D 43 -9.56 -2.44 3.92
CA GLY D 43 -9.73 -1.93 5.28
C GLY D 43 -8.53 -1.20 5.84
N GLN D 44 -7.54 -0.99 4.98
CA GLN D 44 -6.29 -0.36 5.36
C GLN D 44 -6.15 1.16 5.19
N THR D 45 -5.30 1.72 6.05
CA THR D 45 -4.94 3.12 6.03
C THR D 45 -3.53 3.07 5.42
N ILE D 46 -3.40 3.45 4.16
CA ILE D 46 -2.10 3.44 3.53
C ILE D 46 -1.51 4.83 3.45
N TYR D 47 -0.33 4.98 4.06
CA TYR D 47 0.37 6.25 4.08
C TYR D 47 1.15 6.53 2.81
N VAL D 48 0.98 7.77 2.32
CA VAL D 48 1.67 8.26 1.13
C VAL D 48 1.99 9.70 1.50
N ASP D 49 3.09 9.84 2.23
CA ASP D 49 3.53 11.12 2.78
C ASP D 49 5.05 11.16 2.91
N ASN D 50 5.76 10.52 1.99
CA ASN D 50 7.22 10.48 2.02
C ASN D 50 7.80 9.96 3.34
N GLY D 51 7.01 9.16 4.04
CA GLY D 51 7.46 8.55 5.30
C GLY D 51 7.47 9.40 6.57
N LEU D 52 6.95 10.62 6.53
CA LEU D 52 6.95 11.47 7.73
C LEU D 52 6.27 10.80 8.94
N ASN D 53 5.24 10.00 8.67
CA ASN D 53 4.50 9.34 9.74
C ASN D 53 5.34 8.40 10.61
N ILE D 54 6.49 7.94 10.10
CA ILE D 54 7.33 7.01 10.87
C ILE D 54 8.23 7.68 11.91
N MET D 55 8.46 8.98 11.80
CA MET D 55 9.33 9.68 12.74
C MET D 55 8.72 9.99 14.12
N PHE D 56 9.55 10.08 15.15
CA PHE D 56 9.09 10.44 16.48
C PHE D 56 9.72 11.77 16.85
N LEU D 57 11.05 11.84 16.79
CA LEU D 57 11.77 13.06 17.12
C LEU D 57 12.58 13.54 15.91
N PRO D 58 12.57 14.85 15.64
CA PRO D 58 13.32 15.39 14.52
C PRO D 58 14.84 15.28 14.72
N ASP D 59 15.58 16.29 14.29
CA ASP D 59 17.04 16.29 14.42
C ASP D 59 17.55 17.70 14.70
N ASP D 60 17.54 18.55 13.68
CA ASP D 60 17.99 19.93 13.81
C ASP D 60 16.87 20.76 14.42
PA ZID E . 9.97 -19.56 0.46
O1A ZID E . 10.10 -18.22 -0.25
O2A ZID E . 8.98 -20.67 0.62
O5B ZID E . 10.81 -19.62 1.91
C5B ZID E . 11.86 -18.67 2.31
C4B ZID E . 13.32 -19.07 2.31
O4B ZID E . 13.95 -19.11 3.66
C3B ZID E . 13.61 -20.47 1.83
O3B ZID E . 13.75 -20.42 0.43
C2B ZID E . 14.92 -20.81 2.49
O2B ZID E . 15.92 -21.33 1.60
C1B ZID E . 15.23 -19.49 3.18
N9A ZID E . 16.50 -19.81 4.02
C8A ZID E . 16.74 -19.85 5.36
N7A ZID E . 17.89 -19.24 5.74
C5A ZID E . 18.37 -18.80 4.62
C6A ZID E . 19.59 -18.07 4.43
N6A ZID E . 20.23 -17.85 5.39
N1A ZID E . 19.93 -17.67 3.15
C2A ZID E . 19.15 -17.96 2.07
N3A ZID E . 17.99 -18.65 2.18
C4A ZID E . 17.56 -19.11 3.52
O3 ZID E . 8.68 -18.65 0.93
PN ZID E . 7.72 -18.58 2.20
O1N ZID E . 6.31 -18.12 2.15
O2N ZID E . 8.59 -18.55 3.41
O5D ZID E . 8.05 -16.99 2.03
C5D ZID E . 9.27 -16.31 2.41
C4D ZID E . 9.02 -15.03 3.24
O4D ZID E . 7.58 -14.79 3.35
C3D ZID E . 9.57 -15.01 4.68
O3D ZID E . 10.22 -13.81 5.09
C2D ZID E . 8.32 -15.36 5.47
O2D ZID E . 8.24 -15.26 6.90
C1D ZID E . 7.27 -14.56 4.76
N1N ZID E . 5.89 -15.01 5.14
C2N ZID E . 5.30 -16.22 4.62
C3N ZID E . 4.01 -16.63 5.07
C7N ZID E . 3.31 -17.94 4.52
O7N ZID E . 2.09 -18.15 4.64
N7N ZID E . 4.15 -18.79 3.90
C4N ZID E . 3.34 -15.85 6.09
C5N ZID E . 3.92 -14.63 6.56
C6N ZID E . 5.19 -14.22 6.10
C7Z ZID E . 3.10 -16.77 7.33
O7Z ZID E . 4.08 -17.38 7.83
N1Z ZID E . -0.76 -17.47 9.16
C2Z ZID E . 0.33 -18.11 9.65
C3Z ZID E . 1.61 -17.89 9.09
C4Z ZID E . 1.71 -17.00 7.97
C5Z ZID E . 0.54 -16.36 7.48
C6Z ZID E . -0.71 -16.61 8.09
PA ZID F . -9.92 20.40 -2.09
O1A ZID F . -10.83 21.32 -1.34
O2A ZID F . -8.84 20.96 -2.94
O5B ZID F . -10.76 19.45 -3.08
C5B ZID F . -11.91 18.67 -2.63
C4B ZID F . -13.32 19.19 -2.60
O4B ZID F . -13.99 19.29 -1.30
C3B ZID F . -13.48 20.62 -3.07
O3B ZID F . -13.52 20.65 -4.48
C2B ZID F . -14.81 21.04 -2.47
O2B ZID F . -15.76 21.68 -3.34
C1B ZID F . -15.23 19.72 -1.85
N9A ZID F . -16.53 20.10 -1.07
C8A ZID F . -16.81 20.22 0.26
N7A ZID F . -17.93 19.61 0.64
C5A ZID F . -18.36 19.08 -0.46
C6A ZID F . -19.56 18.28 -0.63
N6A ZID F . -20.20 18.12 0.32
N1A ZID F . -19.85 17.79 -1.87
C2A ZID F . -19.06 18.03 -2.96
N3A ZID F . -17.93 18.77 -2.86
C4A ZID F . -17.54 19.34 -1.55
O3 ZID F . -9.19 19.65 -0.88
PN ZID F . -8.08 18.54 -0.70
O1N ZID F . -6.96 19.01 0.17
O2N ZID F . -7.83 18.14 -2.09
O5D ZID F . -8.91 17.38 0.03
C5D ZID F . -9.20 16.13 -0.57
C4D ZID F . -9.19 15.02 0.49
O4D ZID F . -7.81 14.82 0.88
C3D ZID F . -9.96 15.27 1.81
O3D ZID F . -10.66 14.14 2.32
C2D ZID F . -8.86 15.80 2.71
O2D ZID F . -8.98 15.97 4.11
C1D ZID F . -7.73 14.88 2.31
N1N ZID F . -6.41 15.40 2.77
C2N ZID F . -5.77 16.56 2.19
C3N ZID F . -4.53 17.00 2.73
C7N ZID F . -3.78 18.24 2.14
O7N ZID F . -4.30 19.02 1.34
N7N ZID F . -2.53 18.36 2.56
C4N ZID F . -3.96 16.29 3.86
C5N ZID F . -4.58 15.14 4.38
C6N ZID F . -5.80 14.70 3.85
C7Z ZID F . -3.79 17.33 5.04
O7Z ZID F . -4.79 18.00 5.40
N1Z ZID F . -0.01 18.02 7.04
C2Z ZID F . -1.10 18.76 7.40
C3Z ZID F . -2.35 18.55 6.78
C4Z ZID F . -2.44 17.56 5.75
C5Z ZID F . -1.28 16.81 5.39
C6Z ZID F . -0.06 17.06 6.06
#